data_2WEW
#
_entry.id   2WEW
#
_cell.length_a   49.940
_cell.length_b   49.940
_cell.length_c   144.670
_cell.angle_alpha   90.00
_cell.angle_beta   90.00
_cell.angle_gamma   90.00
#
_symmetry.space_group_name_H-M   'P 43 21 2'
#
loop_
_entity.id
_entity.type
_entity.pdbx_description
1 polymer 'APOLIPOPROTEIN M'
2 non-polymer 'MYRISTIC ACID'
3 non-polymer 1,2-ETHANEDIOL
4 water water
#
_entity_poly.entity_id   1
_entity_poly.type   'polypeptide(L)'
_entity_poly.pdbx_seq_one_letter_code
;GSHMNQCPEHSQLTTLGVDGKEFPEVHLGQWYFIAGAAPTKEELATFDPVDNIVFNMAAGSAPMQLHLRATIRMKDGLCV
PRKWIYHLTEGSTDLRTEGRPDMKTELFSSSCPGGIMLNETGQGYQRFLLYNRSPHPPEKCVEEFKSLTSCLDSKAFLLT
PRNQEACELSNN
;
_entity_poly.pdbx_strand_id   A
#
loop_
_chem_comp.id
_chem_comp.type
_chem_comp.name
_chem_comp.formula
EDO non-polymer 1,2-ETHANEDIOL 'C2 H6 O2'
MYR non-polymer 'MYRISTIC ACID' 'C14 H28 O2'
#
# COMPACT_ATOMS: atom_id res chain seq x y z
N SER A 2 -7.91 -32.23 -8.60
CA SER A 2 -8.62 -31.24 -7.73
C SER A 2 -8.26 -29.84 -8.16
N HIS A 3 -9.24 -28.94 -8.03
CA HIS A 3 -9.43 -27.78 -8.88
C HIS A 3 -10.23 -26.79 -8.03
N MET A 4 -10.43 -25.60 -8.56
CA MET A 4 -11.38 -24.61 -8.01
C MET A 4 -11.13 -24.23 -6.56
N ASN A 5 -9.88 -23.99 -6.23
CA ASN A 5 -9.51 -23.78 -4.86
C ASN A 5 -8.37 -22.77 -4.76
N GLN A 6 -8.15 -22.01 -5.83
CA GLN A 6 -7.10 -21.00 -5.87
C GLN A 6 -7.69 -19.60 -5.95
N CYS A 7 -6.92 -18.61 -5.53
CA CYS A 7 -7.28 -17.20 -5.70
C CYS A 7 -6.68 -16.66 -6.99
N PRO A 8 -7.18 -15.52 -7.51
CA PRO A 8 -6.56 -14.98 -8.73
C PRO A 8 -5.04 -14.77 -8.59
N GLU A 9 -4.33 -14.87 -9.72
CA GLU A 9 -2.88 -14.72 -9.78
C GLU A 9 -2.39 -13.39 -9.19
N HIS A 10 -1.41 -13.50 -8.32
CA HIS A 10 -0.81 -12.33 -7.66
C HIS A 10 0.57 -12.77 -7.21
N SER A 11 1.54 -11.87 -7.32
CA SER A 11 2.90 -12.29 -6.97
C SER A 11 3.55 -11.25 -6.13
N GLN A 12 4.41 -11.72 -5.25
CA GLN A 12 5.18 -10.86 -4.41
C GLN A 12 6.30 -10.24 -5.23
N LEU A 13 6.55 -8.94 -5.04
CA LEU A 13 7.69 -8.30 -5.70
C LEU A 13 8.96 -8.94 -5.23
N THR A 14 9.93 -9.05 -6.11
CA THR A 14 11.10 -9.78 -5.83
C THR A 14 12.33 -8.97 -6.25
N THR A 15 13.47 -9.23 -5.61
CA THR A 15 14.75 -8.64 -6.00
C THR A 15 15.52 -9.61 -6.92
N LEU A 16 14.85 -10.65 -7.39
CA LEU A 16 15.46 -11.64 -8.29
C LEU A 16 15.57 -11.16 -9.73
N GLY A 17 16.46 -11.79 -10.49
CA GLY A 17 16.55 -11.58 -11.94
C GLY A 17 17.32 -10.32 -12.32
N VAL A 18 17.75 -10.26 -13.58
CA VAL A 18 18.41 -9.10 -14.15
C VAL A 18 17.43 -7.95 -14.03
N ASP A 19 17.88 -6.83 -13.45
CA ASP A 19 17.00 -5.71 -13.10
C ASP A 19 16.46 -5.82 -11.67
N GLY A 20 16.90 -6.82 -10.90
CA GLY A 20 16.49 -6.95 -9.51
C GLY A 20 16.82 -5.75 -8.64
N LYS A 21 18.00 -5.14 -8.86
CA LYS A 21 18.38 -3.93 -8.10
C LYS A 21 17.77 -2.65 -8.65
N GLU A 22 16.75 -2.81 -9.50
CA GLU A 22 15.85 -1.70 -9.81
C GLU A 22 14.87 -1.46 -8.68
N PHE A 23 14.85 -2.33 -7.68
CA PHE A 23 14.15 -2.03 -6.46
C PHE A 23 15.17 -1.43 -5.44
N PRO A 24 14.83 -0.33 -4.75
CA PRO A 24 13.57 0.44 -4.73
C PRO A 24 13.41 1.64 -5.68
N GLU A 25 14.40 1.97 -6.52
CA GLU A 25 14.35 3.29 -7.20
C GLU A 25 13.12 3.42 -8.11
N VAL A 26 12.69 2.29 -8.66
N VAL A 26 12.66 2.32 -8.71
CA VAL A 26 11.51 2.27 -9.54
CA VAL A 26 11.45 2.46 -9.57
C VAL A 26 10.24 2.72 -8.79
C VAL A 26 10.21 2.82 -8.76
N HIS A 27 10.22 2.54 -7.47
CA HIS A 27 9.01 2.85 -6.67
C HIS A 27 9.04 4.16 -5.91
N LEU A 28 10.08 4.95 -6.12
CA LEU A 28 10.20 6.27 -5.46
C LEU A 28 9.16 7.18 -6.11
N GLY A 29 8.77 8.24 -5.41
CA GLY A 29 7.88 9.25 -5.96
C GLY A 29 6.52 9.17 -5.31
N GLN A 30 5.49 9.66 -6.01
CA GLN A 30 4.22 9.93 -5.36
C GLN A 30 3.30 8.73 -5.53
N TRP A 31 2.42 8.53 -4.55
CA TRP A 31 1.43 7.43 -4.58
C TRP A 31 0.17 7.95 -3.89
N TYR A 32 -0.99 7.41 -4.27
CA TYR A 32 -2.29 7.76 -3.66
C TYR A 32 -2.85 6.49 -3.08
N PHE A 33 -3.43 6.57 -1.88
CA PHE A 33 -4.13 5.45 -1.23
C PHE A 33 -5.50 5.25 -1.90
N ILE A 34 -5.83 4.00 -2.26
CA ILE A 34 -7.00 3.77 -3.09
C ILE A 34 -8.05 2.97 -2.32
N ALA A 35 -7.61 1.93 -1.62
CA ALA A 35 -8.54 0.97 -1.02
C ALA A 35 -7.82 0.10 -0.01
N GLY A 36 -8.61 -0.42 0.92
CA GLY A 36 -8.11 -1.39 1.88
C GLY A 36 -9.08 -2.57 2.02
N ALA A 37 -8.57 -3.68 2.48
CA ALA A 37 -9.32 -4.89 2.77
C ALA A 37 -8.67 -5.54 3.99
N ALA A 38 -9.49 -6.16 4.83
CA ALA A 38 -9.00 -6.81 6.04
C ALA A 38 -9.97 -7.90 6.48
N PRO A 39 -9.53 -8.81 7.38
CA PRO A 39 -10.42 -9.83 7.94
C PRO A 39 -11.64 -9.26 8.68
N THR A 40 -11.47 -8.10 9.32
CA THR A 40 -12.58 -7.41 9.97
C THR A 40 -12.52 -5.90 9.69
N LYS A 41 -13.70 -5.28 9.77
CA LYS A 41 -13.92 -3.86 9.59
C LYS A 41 -13.05 -3.04 10.56
N GLU A 42 -12.86 -3.57 11.77
CA GLU A 42 -12.09 -2.88 12.80
C GLU A 42 -10.61 -2.65 12.42
N GLU A 43 -10.07 -3.53 11.56
CA GLU A 43 -8.68 -3.36 11.10
C GLU A 43 -8.56 -2.26 10.08
N LEU A 44 -9.68 -1.78 9.55
CA LEU A 44 -9.72 -0.67 8.59
C LEU A 44 -10.29 0.62 9.20
N ALA A 45 -10.76 0.54 10.44
CA ALA A 45 -11.47 1.64 11.12
C ALA A 45 -10.72 2.95 11.10
N THR A 46 -9.41 2.87 11.25
CA THR A 46 -8.54 4.06 11.21
C THR A 46 -8.72 4.92 9.93
N PHE A 47 -9.18 4.29 8.85
CA PHE A 47 -9.38 4.98 7.58
C PHE A 47 -10.78 5.56 7.40
N ASP A 48 -11.71 5.30 8.32
CA ASP A 48 -13.09 5.76 8.08
C ASP A 48 -13.36 7.27 7.96
N PRO A 49 -12.62 8.12 8.70
CA PRO A 49 -12.80 9.57 8.49
C PRO A 49 -11.92 10.17 7.38
N VAL A 50 -11.31 9.29 6.56
CA VAL A 50 -10.35 9.73 5.55
C VAL A 50 -11.05 9.93 4.19
N ASP A 51 -10.82 11.08 3.56
CA ASP A 51 -11.22 11.24 2.16
C ASP A 51 -10.14 10.72 1.21
N ASN A 52 -8.90 11.20 1.37
CA ASN A 52 -7.81 10.72 0.48
C ASN A 52 -6.46 10.80 1.20
N ILE A 53 -5.45 10.07 0.71
CA ILE A 53 -4.10 10.21 1.22
C ILE A 53 -3.15 10.23 0.04
N VAL A 54 -2.26 11.21 0.02
CA VAL A 54 -1.14 11.25 -0.92
C VAL A 54 0.18 10.96 -0.16
N PHE A 55 1.09 10.20 -0.78
CA PHE A 55 2.36 9.80 -0.14
C PHE A 55 3.52 10.21 -1.06
N ASN A 56 4.70 10.44 -0.49
CA ASN A 56 5.88 10.59 -1.33
C ASN A 56 6.91 9.71 -0.73
N MET A 57 7.45 8.77 -1.50
CA MET A 57 8.51 7.92 -1.00
C MET A 57 9.87 8.46 -1.50
N ALA A 58 10.87 8.65 -0.62
CA ALA A 58 12.20 9.11 -1.08
C ALA A 58 13.34 8.27 -0.55
N ALA A 59 14.47 8.29 -1.25
CA ALA A 59 15.68 7.65 -0.76
C ALA A 59 16.02 8.25 0.60
N GLY A 60 16.55 7.42 1.49
CA GLY A 60 16.78 7.82 2.85
C GLY A 60 18.13 8.49 3.05
N SER A 61 18.32 8.93 4.30
CA SER A 61 19.48 9.72 4.70
C SER A 61 20.65 8.81 5.05
N ALA A 62 20.42 7.50 5.02
CA ALA A 62 21.43 6.47 5.26
C ALA A 62 21.06 5.24 4.43
N PRO A 63 22.04 4.33 4.20
CA PRO A 63 22.03 3.21 3.22
C PRO A 63 20.75 2.37 3.01
N MET A 64 20.27 1.63 4.00
CA MET A 64 19.09 0.78 3.67
C MET A 64 17.73 1.27 4.21
N GLN A 65 17.37 2.49 3.83
CA GLN A 65 16.29 3.20 4.48
C GLN A 65 15.53 4.09 3.47
N LEU A 66 14.19 4.15 3.58
CA LEU A 66 13.38 5.02 2.72
C LEU A 66 12.64 6.01 3.60
N HIS A 67 12.45 7.23 3.11
CA HIS A 67 11.69 8.24 3.82
C HIS A 67 10.32 8.33 3.21
N LEU A 68 9.29 8.18 4.04
CA LEU A 68 7.93 8.25 3.60
C LEU A 68 7.26 9.45 4.23
N ARG A 69 6.63 10.25 3.38
CA ARG A 69 5.83 11.40 3.82
C ARG A 69 4.44 11.18 3.29
N ALA A 70 3.43 11.61 4.06
CA ALA A 70 2.04 11.49 3.67
C ALA A 70 1.30 12.71 4.20
N THR A 71 0.28 13.18 3.47
CA THR A 71 -0.74 14.07 4.04
C THR A 71 -2.14 13.45 3.82
N ILE A 72 -2.89 13.39 4.90
CA ILE A 72 -4.21 12.80 4.91
C ILE A 72 -5.21 13.93 4.82
N ARG A 73 -6.01 13.92 3.75
CA ARG A 73 -7.25 14.71 3.74
C ARG A 73 -8.36 13.97 4.50
N MET A 74 -8.79 14.54 5.62
CA MET A 74 -9.93 14.03 6.36
C MET A 74 -11.20 14.46 5.64
N LYS A 75 -12.32 13.76 5.88
CA LYS A 75 -13.62 14.15 5.31
C LYS A 75 -14.07 15.56 5.76
N ASP A 76 -13.64 15.98 6.94
CA ASP A 76 -13.95 17.32 7.43
C ASP A 76 -13.08 18.45 6.79
N GLY A 77 -12.25 18.09 5.81
CA GLY A 77 -11.42 19.10 5.11
C GLY A 77 -10.04 19.31 5.69
N LEU A 78 -9.82 18.83 6.92
CA LEU A 78 -8.52 19.04 7.55
C LEU A 78 -7.40 18.16 6.97
N CYS A 79 -6.18 18.71 7.00
CA CYS A 79 -5.00 18.01 6.45
C CYS A 79 -4.10 17.60 7.63
N VAL A 80 -3.70 16.32 7.65
CA VAL A 80 -2.80 15.77 8.68
C VAL A 80 -1.55 15.18 8.05
N PRO A 81 -0.39 15.83 8.26
CA PRO A 81 0.87 15.29 7.76
C PRO A 81 1.41 14.13 8.63
N ARG A 82 2.01 13.13 7.97
CA ARG A 82 2.68 12.00 8.63
C ARG A 82 4.04 11.79 8.00
N LYS A 83 4.94 11.17 8.73
CA LYS A 83 6.27 10.91 8.20
C LYS A 83 6.76 9.66 8.89
N TRP A 84 7.39 8.78 8.14
CA TRP A 84 8.14 7.71 8.76
C TRP A 84 9.29 7.14 7.96
N ILE A 85 10.03 6.24 8.60
CA ILE A 85 11.18 5.64 7.95
C ILE A 85 10.97 4.14 7.79
N TYR A 86 11.15 3.66 6.57
CA TYR A 86 11.23 2.22 6.32
C TYR A 86 12.65 1.75 6.24
N HIS A 87 12.85 0.52 6.70
CA HIS A 87 14.12 -0.15 6.56
C HIS A 87 14.01 -1.28 5.57
N LEU A 88 15.00 -1.34 4.68
CA LEU A 88 15.13 -2.35 3.65
C LEU A 88 16.09 -3.43 4.06
N THR A 89 15.93 -4.63 3.51
CA THR A 89 16.90 -5.68 3.72
C THR A 89 17.37 -6.23 2.39
N GLU A 90 18.68 -6.41 2.29
CA GLU A 90 19.34 -7.07 1.17
C GLU A 90 18.56 -8.29 0.67
N GLY A 91 18.13 -8.25 -0.60
CA GLY A 91 17.52 -9.41 -1.24
C GLY A 91 16.03 -9.62 -0.95
N SER A 92 15.38 -8.58 -0.42
CA SER A 92 13.99 -8.66 -0.05
C SER A 92 13.30 -7.36 -0.42
N THR A 93 12.02 -7.44 -0.74
CA THR A 93 11.24 -6.25 -0.95
C THR A 93 10.39 -5.93 0.28
N ASP A 94 10.51 -6.74 1.35
CA ASP A 94 9.74 -6.49 2.57
C ASP A 94 10.13 -5.16 3.21
N LEU A 95 9.15 -4.45 3.78
CA LEU A 95 9.44 -3.23 4.50
C LEU A 95 9.30 -3.45 5.99
N ARG A 96 10.23 -2.91 6.75
CA ARG A 96 10.09 -2.88 8.22
C ARG A 96 10.16 -1.45 8.71
N THR A 97 9.33 -1.12 9.69
CA THR A 97 9.32 0.20 10.35
C THR A 97 9.62 -0.01 11.83
N GLU A 98 10.27 0.97 12.49
CA GLU A 98 10.80 0.81 13.86
C GLU A 98 9.78 0.57 15.00
N GLY A 99 8.52 0.98 14.77
CA GLY A 99 7.40 0.62 15.63
C GLY A 99 6.45 -0.29 14.86
N ARG A 100 6.63 -1.60 14.96
CA ARG A 100 7.59 -2.21 15.90
C ARG A 100 8.42 -3.21 15.09
N PRO A 101 9.43 -3.85 15.71
CA PRO A 101 10.01 -5.02 15.04
C PRO A 101 8.99 -6.11 14.68
N ASP A 102 7.84 -6.10 15.35
CA ASP A 102 6.78 -7.12 15.19
C ASP A 102 6.02 -7.10 13.85
N MET A 103 6.00 -5.96 13.18
CA MET A 103 5.26 -5.85 11.93
C MET A 103 6.14 -5.92 10.68
N LYS A 104 5.58 -6.49 9.63
CA LYS A 104 6.19 -6.35 8.32
C LYS A 104 5.15 -6.02 7.25
N THR A 105 5.67 -5.54 6.13
CA THR A 105 4.88 -5.14 5.00
C THR A 105 5.44 -5.86 3.77
N GLU A 106 4.61 -6.71 3.16
CA GLU A 106 4.97 -7.40 1.93
C GLU A 106 4.45 -6.64 0.73
N LEU A 107 5.26 -6.58 -0.32
CA LEU A 107 4.88 -5.85 -1.51
C LEU A 107 4.48 -6.82 -2.60
N PHE A 108 3.34 -6.54 -3.24
CA PHE A 108 2.80 -7.41 -4.28
C PHE A 108 2.55 -6.60 -5.55
N SER A 109 2.74 -7.26 -6.68
N SER A 109 2.74 -7.31 -6.67
CA SER A 109 2.41 -6.62 -7.94
CA SER A 109 2.33 -6.83 -7.99
C SER A 109 0.89 -6.60 -8.08
C SER A 109 0.86 -6.45 -7.93
N SER A 110 0.41 -5.71 -8.95
CA SER A 110 -0.98 -5.34 -9.02
C SER A 110 -1.42 -5.45 -10.46
N SER A 111 -2.64 -5.95 -10.66
CA SER A 111 -3.28 -5.86 -11.99
C SER A 111 -3.55 -4.43 -12.48
N CYS A 112 -3.61 -3.47 -11.56
CA CYS A 112 -3.66 -2.04 -11.89
C CYS A 112 -2.36 -1.58 -12.58
N PRO A 113 -2.47 -1.00 -13.78
CA PRO A 113 -1.25 -0.35 -14.20
C PRO A 113 -0.94 0.74 -13.17
N GLY A 114 0.34 0.88 -12.82
CA GLY A 114 0.74 1.95 -11.89
C GLY A 114 0.30 1.63 -10.48
N GLY A 115 -0.07 0.36 -10.21
CA GLY A 115 -0.57 0.04 -8.87
C GLY A 115 0.43 -0.79 -8.09
N ILE A 116 0.24 -0.88 -6.78
CA ILE A 116 1.03 -1.78 -5.92
C ILE A 116 0.14 -2.15 -4.75
N MET A 117 0.22 -3.39 -4.29
CA MET A 117 -0.54 -3.80 -3.12
C MET A 117 0.40 -4.11 -1.94
N LEU A 118 0.12 -3.56 -0.75
CA LEU A 118 0.84 -3.98 0.47
C LEU A 118 0.06 -4.98 1.33
N ASN A 119 0.76 -5.94 1.94
CA ASN A 119 0.17 -6.82 2.92
C ASN A 119 0.88 -6.50 4.22
N GLU A 120 0.14 -5.87 5.12
CA GLU A 120 0.63 -5.43 6.40
C GLU A 120 0.26 -6.47 7.44
N THR A 121 1.27 -6.99 8.13
CA THR A 121 1.12 -8.00 9.19
C THR A 121 1.62 -7.40 10.50
N GLY A 122 0.97 -7.76 11.60
CA GLY A 122 1.30 -7.21 12.91
C GLY A 122 0.50 -7.92 13.98
N GLN A 123 0.78 -7.55 15.24
CA GLN A 123 0.17 -8.19 16.40
C GLN A 123 -1.36 -8.20 16.36
N GLY A 124 -1.91 -9.40 16.18
CA GLY A 124 -3.36 -9.61 16.12
C GLY A 124 -4.09 -8.99 14.94
N TYR A 125 -3.35 -8.67 13.87
CA TYR A 125 -3.95 -8.01 12.70
C TYR A 125 -3.25 -8.24 11.36
N GLN A 126 -4.02 -8.05 10.30
CA GLN A 126 -3.52 -8.07 8.94
C GLN A 126 -4.48 -7.24 8.12
N ARG A 127 -3.95 -6.52 7.12
CA ARG A 127 -4.79 -5.86 6.12
C ARG A 127 -4.05 -5.69 4.80
N PHE A 128 -4.82 -5.60 3.71
CA PHE A 128 -4.26 -5.37 2.39
C PHE A 128 -4.54 -3.94 1.99
N LEU A 129 -3.55 -3.29 1.39
CA LEU A 129 -3.64 -1.88 1.09
C LEU A 129 -3.25 -1.63 -0.36
N LEU A 130 -4.14 -0.97 -1.11
CA LEU A 130 -3.99 -0.69 -2.52
C LEU A 130 -3.61 0.75 -2.79
N TYR A 131 -2.50 0.96 -3.52
CA TYR A 131 -2.03 2.31 -3.92
C TYR A 131 -1.92 2.38 -5.43
N ASN A 132 -1.92 3.60 -5.95
CA ASN A 132 -1.67 3.76 -7.37
C ASN A 132 -0.99 5.10 -7.59
N ARG A 133 -0.21 5.19 -8.65
CA ARG A 133 0.34 6.46 -9.12
C ARG A 133 -0.74 7.48 -9.53
N SER A 134 -1.83 6.98 -10.12
CA SER A 134 -2.95 7.85 -10.49
C SER A 134 -3.91 7.98 -9.29
N PRO A 135 -4.43 9.20 -9.04
CA PRO A 135 -5.46 9.30 -8.02
C PRO A 135 -6.78 8.64 -8.43
N HIS A 136 -6.91 8.25 -9.71
CA HIS A 136 -8.17 7.72 -10.20
C HIS A 136 -7.91 6.55 -11.15
N PRO A 137 -7.43 5.43 -10.60
CA PRO A 137 -7.19 4.26 -11.42
C PRO A 137 -8.50 3.69 -11.85
N PRO A 138 -8.50 2.83 -12.90
CA PRO A 138 -9.76 2.26 -13.43
C PRO A 138 -10.56 1.53 -12.35
N GLU A 139 -11.88 1.67 -12.36
CA GLU A 139 -12.75 0.96 -11.39
C GLU A 139 -12.51 -0.56 -11.44
N LYS A 140 -12.23 -1.10 -12.62
CA LYS A 140 -11.88 -2.53 -12.77
C LYS A 140 -10.73 -3.00 -11.86
N CYS A 141 -9.65 -2.20 -11.76
CA CYS A 141 -8.49 -2.44 -10.87
C CYS A 141 -8.92 -2.63 -9.44
N VAL A 142 -9.85 -1.78 -9.03
CA VAL A 142 -10.30 -1.78 -7.66
C VAL A 142 -11.19 -3.01 -7.41
N GLU A 143 -12.06 -3.31 -8.38
CA GLU A 143 -12.88 -4.53 -8.31
C GLU A 143 -11.99 -5.78 -8.22
N GLU A 144 -10.88 -5.81 -8.97
CA GLU A 144 -9.96 -6.95 -8.96
C GLU A 144 -9.25 -7.08 -7.60
N PHE A 145 -8.89 -5.95 -6.99
CA PHE A 145 -8.29 -5.95 -5.64
C PHE A 145 -9.32 -6.46 -4.60
N LYS A 146 -10.57 -6.04 -4.71
CA LYS A 146 -11.57 -6.53 -3.78
C LYS A 146 -11.82 -8.05 -3.94
N SER A 147 -11.80 -8.51 -5.18
N SER A 147 -11.84 -8.51 -5.18
CA SER A 147 -12.06 -9.92 -5.45
CA SER A 147 -12.04 -9.94 -5.45
C SER A 147 -10.89 -10.79 -4.97
C SER A 147 -10.89 -10.74 -4.87
N LEU A 148 -9.67 -10.32 -5.18
CA LEU A 148 -8.48 -11.02 -4.70
C LEU A 148 -8.43 -11.10 -3.16
N THR A 149 -8.53 -9.95 -2.51
CA THR A 149 -8.44 -9.90 -1.04
C THR A 149 -9.55 -10.69 -0.38
N SER A 150 -10.75 -10.61 -0.94
CA SER A 150 -11.86 -11.42 -0.44
C SER A 150 -11.57 -12.92 -0.55
N CYS A 151 -10.89 -13.34 -1.62
CA CYS A 151 -10.53 -14.74 -1.82
C CYS A 151 -9.46 -15.17 -0.80
N LEU A 152 -8.64 -14.22 -0.37
CA LEU A 152 -7.62 -14.43 0.65
C LEU A 152 -8.20 -14.23 2.07
N ASP A 153 -9.53 -14.21 2.17
CA ASP A 153 -10.31 -14.11 3.41
C ASP A 153 -10.28 -12.72 4.12
N SER A 154 -9.81 -11.68 3.44
CA SER A 154 -9.97 -10.33 3.94
C SER A 154 -11.22 -9.75 3.29
N LYS A 155 -12.40 -10.06 3.85
CA LYS A 155 -13.65 -9.67 3.18
C LYS A 155 -14.19 -8.27 3.51
N ALA A 156 -13.75 -7.69 4.61
CA ALA A 156 -14.08 -6.30 4.95
C ALA A 156 -13.32 -5.37 4.01
N PHE A 157 -14.03 -4.48 3.33
CA PHE A 157 -13.48 -3.67 2.26
C PHE A 157 -13.77 -2.15 2.50
N LEU A 158 -12.81 -1.29 2.18
CA LEU A 158 -13.04 0.15 2.26
C LEU A 158 -12.43 0.83 1.04
N LEU A 159 -13.22 1.62 0.33
CA LEU A 159 -12.69 2.35 -0.81
C LEU A 159 -12.50 3.78 -0.33
N THR A 160 -11.36 4.42 -0.59
CA THR A 160 -11.27 5.83 -0.18
C THR A 160 -12.11 6.63 -1.16
N PRO A 161 -12.94 7.56 -0.65
CA PRO A 161 -13.84 8.36 -1.47
C PRO A 161 -13.16 9.28 -2.48
N ARG A 162 -12.06 9.91 -2.12
CA ARG A 162 -11.33 10.81 -3.09
C ARG A 162 -12.27 11.82 -3.78
N ASN A 163 -13.17 12.37 -2.99
CA ASN A 163 -13.98 13.50 -3.38
C ASN A 163 -13.31 14.88 -3.27
N GLN A 164 -12.33 15.01 -2.39
CA GLN A 164 -11.71 16.32 -2.17
C GLN A 164 -10.31 16.36 -2.73
N GLU A 165 -9.80 17.57 -2.92
CA GLU A 165 -8.46 17.74 -3.40
C GLU A 165 -7.51 17.09 -2.41
N ALA A 166 -6.38 16.60 -2.94
CA ALA A 166 -5.24 16.26 -2.13
C ALA A 166 -4.78 17.48 -1.34
N CYS A 167 -4.31 17.22 -0.12
CA CYS A 167 -3.56 18.20 0.65
C CYS A 167 -2.15 18.31 0.07
N GLU A 168 -1.50 19.45 0.24
CA GLU A 168 -0.12 19.59 -0.21
C GLU A 168 0.85 18.71 0.60
N LEU A 169 1.90 18.23 -0.04
CA LEU A 169 2.77 17.24 0.56
C LEU A 169 4.22 17.71 0.64
N SER A 170 4.81 17.87 -0.56
CA SER A 170 6.24 18.19 -0.79
C SER A 170 7.10 16.94 -1.07
N ASN A 171 7.88 17.01 -2.14
CA ASN A 171 8.61 15.87 -2.68
C ASN A 171 9.99 15.67 -2.06
C1 MYR B . -0.20 2.81 6.92
O1 MYR B . -0.88 3.70 7.52
O2 MYR B . -0.37 1.60 7.18
C2 MYR B . 0.85 3.26 5.93
C3 MYR B . 0.81 2.49 4.62
C4 MYR B . 2.10 2.80 3.88
C5 MYR B . 1.84 3.66 2.66
C6 MYR B . 2.88 3.36 1.59
C7 MYR B . 2.64 4.21 0.35
C8 MYR B . 3.65 3.96 -0.77
C9 MYR B . 3.47 2.57 -1.40
C10 MYR B . 4.60 2.40 -2.38
C11 MYR B . 5.48 1.21 -2.07
C12 MYR B . 6.92 1.58 -2.42
C13 MYR B . 7.89 0.52 -1.91
C14 MYR B . 9.34 0.99 -2.18
C1 EDO C . -11.68 5.27 -9.34
O1 EDO C . -10.30 5.21 -8.95
C2 EDO C . -12.37 3.97 -8.96
O2 EDO C . -12.49 3.84 -7.53
#